data_6SQ1
#
_entry.id   6SQ1
#
_cell.length_a   52.024
_cell.length_b   71.541
_cell.length_c   97.458
_cell.angle_alpha   90.000
_cell.angle_beta   90.000
_cell.angle_gamma   90.000
#
_symmetry.space_group_name_H-M   'P 21 21 21'
#
loop_
_entity.id
_entity.type
_entity.pdbx_description
1 polymer 'cAMP-dependent protein kinase catalytic subunit alpha'
2 non-polymer (4S)-2-METHYL-2,4-PENTANEDIOL
3 non-polymer 5-(1,4-diazepan-1-ylsulfonyl)isoquinolin-1-amine
4 non-polymer 'DIMETHYL SULFOXIDE'
5 water water
#
_entity_poly.entity_id   1
_entity_poly.type   'polypeptide(L)'
_entity_poly.pdbx_seq_one_letter_code
;GHMGNAAAAKKGSEQESVKEFLAKAKEEFLKKWESPSQNTAQLDHFDRIKTLGTGSFGRVMLVKHKETGNHYAMKILDKQ
KVVKLKQIEHTLNEKRILQAVNFPFLVKLEFSFKDNSNLYMVMEYVPGGEMFSHLRRIGRF(SEP)EPHARFYAAQIVLT
FEYLHSLDLIYRDLKPENLLIDQQGYIQVTDFGFAKRVKGRTW(TPO)LCGTPEYLAPEIILSKGYNKAVDWWALGVLIY
EMAAGYPPFFADQPIQIYEKIVSGKVRFPSHFSSDLKDLLRNLLQVDLTKRFGNLKNGVNDIKNHKWFATTDWIAIYQRK
VEAPFIPKFKGPGDTSNFDDYEEEEIRV(SEP)INEKCGKEFTEF
;
_entity_poly.pdbx_strand_id   A
#
loop_
_chem_comp.id
_chem_comp.type
_chem_comp.name
_chem_comp.formula
DMS non-polymer 'DIMETHYL SULFOXIDE' 'C2 H6 O S'
LRT non-polymer 5-(1,4-diazepan-1-ylsulfonyl)isoquinolin-1-amine 'C14 H18 N4 O2 S'
MPD non-polymer (4S)-2-METHYL-2,4-PENTANEDIOL 'C6 H14 O2'
#
# COMPACT_ATOMS: atom_id res chain seq x y z
N GLU A 16 -22.56 -11.81 -12.38
CA GLU A 16 -23.32 -10.59 -12.13
C GLU A 16 -23.11 -10.09 -10.71
N SER A 17 -22.84 -11.01 -9.79
CA SER A 17 -22.63 -10.61 -8.40
C SER A 17 -21.43 -9.68 -8.28
N VAL A 18 -20.34 -10.00 -9.00
CA VAL A 18 -19.15 -9.16 -8.98
C VAL A 18 -19.43 -7.84 -9.69
N LYS A 19 -20.11 -7.91 -10.85
CA LYS A 19 -20.46 -6.69 -11.58
C LYS A 19 -21.25 -5.73 -10.70
N GLU A 20 -22.26 -6.24 -10.00
CA GLU A 20 -23.08 -5.33 -9.20
C GLU A 20 -22.32 -4.83 -7.98
N PHE A 21 -21.48 -5.66 -7.38
CA PHE A 21 -20.65 -5.20 -6.28
C PHE A 21 -19.77 -4.05 -6.73
N LEU A 22 -19.09 -4.21 -7.86
CA LEU A 22 -18.16 -3.17 -8.30
C LEU A 22 -18.90 -1.91 -8.76
N ALA A 23 -20.11 -2.07 -9.33
CA ALA A 23 -20.89 -0.89 -9.70
C ALA A 23 -21.25 -0.06 -8.48
N LYS A 24 -21.73 -0.70 -7.41
CA LYS A 24 -22.01 0.02 -6.19
C LYS A 24 -20.74 0.62 -5.59
N ALA A 25 -19.63 -0.13 -5.64
CA ALA A 25 -18.38 0.40 -5.09
C ALA A 25 -17.97 1.68 -5.80
N LYS A 26 -18.11 1.71 -7.13
CA LYS A 26 -17.74 2.91 -7.89
C LYS A 26 -18.68 4.06 -7.58
N GLU A 27 -19.99 3.79 -7.46
CA GLU A 27 -20.93 4.85 -7.12
C GLU A 27 -20.56 5.50 -5.79
N GLU A 28 -20.25 4.68 -4.79
CA GLU A 28 -19.97 5.22 -3.47
C GLU A 28 -18.65 5.97 -3.46
N PHE A 29 -17.65 5.44 -4.15
CA PHE A 29 -16.37 6.12 -4.28
C PHE A 29 -16.56 7.47 -4.96
N LEU A 30 -17.28 7.52 -6.08
CA LEU A 30 -17.40 8.76 -6.82
C LEU A 30 -18.10 9.85 -6.02
N LYS A 31 -19.10 9.48 -5.20
CA LYS A 31 -19.78 10.49 -4.41
C LYS A 31 -18.83 11.16 -3.43
N LYS A 32 -17.97 10.38 -2.78
CA LYS A 32 -16.99 10.95 -1.86
C LYS A 32 -15.86 11.66 -2.60
N TRP A 33 -15.46 11.13 -3.75
CA TRP A 33 -14.41 11.73 -4.55
C TRP A 33 -14.80 13.12 -5.01
N GLU A 34 -16.06 13.30 -5.39
CA GLU A 34 -16.52 14.58 -5.90
C GLU A 34 -16.77 15.60 -4.79
N SER A 35 -16.97 15.15 -3.56
CA SER A 35 -17.20 16.05 -2.42
C SER A 35 -16.37 15.60 -1.23
N PRO A 36 -15.05 15.84 -1.26
CA PRO A 36 -14.20 15.28 -0.20
C PRO A 36 -14.42 15.94 1.15
N SER A 37 -14.25 15.14 2.20
CA SER A 37 -14.28 15.70 3.54
C SER A 37 -13.01 16.48 3.80
N GLN A 38 -13.12 17.49 4.65
CA GLN A 38 -12.00 18.38 4.97
C GLN A 38 -12.13 18.81 6.42
N ASN A 39 -10.98 18.97 7.07
CA ASN A 39 -10.90 19.69 8.35
C ASN A 39 -11.80 19.06 9.40
N THR A 40 -11.61 17.76 9.64
CA THR A 40 -12.49 17.00 10.51
C THR A 40 -11.93 16.74 11.90
N ALA A 41 -10.73 17.25 12.21
CA ALA A 41 -10.24 17.28 13.58
C ALA A 41 -9.21 18.41 13.68
N GLN A 42 -8.52 18.48 14.82
CA GLN A 42 -7.39 19.40 14.95
C GLN A 42 -6.35 18.76 15.86
N LEU A 43 -5.14 19.32 15.84
CA LEU A 43 -4.01 18.63 16.47
C LEU A 43 -4.20 18.48 17.97
N ASP A 44 -4.71 19.51 18.64
CA ASP A 44 -4.82 19.48 20.09
C ASP A 44 -5.99 18.60 20.58
N HIS A 45 -6.64 17.87 19.67
CA HIS A 45 -7.54 16.79 20.06
C HIS A 45 -6.80 15.52 20.43
N PHE A 46 -5.49 15.48 20.23
CA PHE A 46 -4.72 14.26 20.38
C PHE A 46 -3.52 14.45 21.32
N ASP A 47 -3.14 13.35 21.96
CA ASP A 47 -1.88 13.20 22.67
C ASP A 47 -0.93 12.40 21.81
N ARG A 48 0.32 12.82 21.80
CA ARG A 48 1.38 12.13 21.08
C ARG A 48 1.94 10.99 21.93
N ILE A 49 2.08 9.81 21.35
CA ILE A 49 2.60 8.64 22.05
C ILE A 49 4.02 8.28 21.60
N LYS A 50 4.21 8.03 20.30
CA LYS A 50 5.47 7.46 19.81
C LYS A 50 5.59 7.68 18.30
N THR A 51 6.81 7.85 17.83
CA THR A 51 7.03 7.91 16.38
C THR A 51 7.13 6.49 15.84
N LEU A 52 6.29 6.19 14.84
CA LEU A 52 6.25 4.87 14.23
C LEU A 52 7.07 4.77 12.95
N GLY A 53 7.31 5.88 12.27
CA GLY A 53 8.06 5.86 11.02
C GLY A 53 8.40 7.28 10.59
N THR A 54 9.42 7.40 9.75
N THR A 54 9.42 7.38 9.76
CA THR A 54 9.88 8.74 9.37
CA THR A 54 9.90 8.67 9.30
C THR A 54 10.51 8.72 7.98
C THR A 54 10.15 8.62 7.80
N GLY A 55 10.28 9.81 7.23
CA GLY A 55 10.70 9.94 5.86
C GLY A 55 11.23 11.33 5.56
N SER A 56 11.47 11.60 4.27
CA SER A 56 12.11 12.87 3.90
C SER A 56 11.16 14.06 4.00
N PHE A 57 9.84 13.85 3.98
CA PHE A 57 8.89 14.96 4.08
C PHE A 57 7.79 14.72 5.11
N GLY A 58 7.86 13.65 5.88
CA GLY A 58 6.88 13.48 6.93
C GLY A 58 7.24 12.34 7.86
N ARG A 59 6.33 12.05 8.76
CA ARG A 59 6.49 10.93 9.67
C ARG A 59 5.11 10.45 10.07
N VAL A 60 5.07 9.30 10.75
CA VAL A 60 3.82 8.74 11.24
C VAL A 60 3.97 8.56 12.74
N MET A 61 2.98 9.04 13.49
N MET A 61 3.00 9.05 13.51
CA MET A 61 2.99 9.02 14.94
CA MET A 61 3.04 9.01 14.96
C MET A 61 1.81 8.19 15.43
C MET A 61 1.82 8.30 15.51
N LEU A 62 2.05 7.42 16.48
CA LEU A 62 0.94 6.90 17.28
C LEU A 62 0.45 8.04 18.17
N VAL A 63 -0.85 8.31 18.11
CA VAL A 63 -1.51 9.32 18.91
C VAL A 63 -2.74 8.69 19.56
N LYS A 64 -3.20 9.33 20.63
CA LYS A 64 -4.41 8.94 21.33
C LYS A 64 -5.38 10.12 21.36
N HIS A 65 -6.61 9.88 20.95
CA HIS A 65 -7.62 10.92 20.98
C HIS A 65 -8.03 11.18 22.42
N LYS A 66 -7.98 12.46 22.84
CA LYS A 66 -8.10 12.78 24.25
C LYS A 66 -9.50 12.56 24.80
N GLU A 67 -10.53 12.60 23.95
CA GLU A 67 -11.90 12.45 24.40
C GLU A 67 -12.38 11.01 24.34
N THR A 68 -12.03 10.27 23.29
CA THR A 68 -12.52 8.91 23.13
C THR A 68 -11.55 7.86 23.65
N GLY A 69 -10.27 8.21 23.76
CA GLY A 69 -9.26 7.25 24.12
C GLY A 69 -8.80 6.36 22.99
N ASN A 70 -9.32 6.56 21.78
CA ASN A 70 -8.93 5.71 20.65
C ASN A 70 -7.54 6.06 20.16
N HIS A 71 -6.80 5.05 19.75
CA HIS A 71 -5.48 5.21 19.16
C HIS A 71 -5.59 5.33 17.66
N TYR A 72 -4.70 6.13 17.07
CA TYR A 72 -4.63 6.35 15.63
C TYR A 72 -3.17 6.48 15.20
N ALA A 73 -2.92 6.19 13.92
CA ALA A 73 -1.66 6.52 13.28
C ALA A 73 -1.85 7.84 12.55
N MET A 74 -1.15 8.88 12.99
CA MET A 74 -1.24 10.21 12.41
C MET A 74 -0.04 10.43 11.50
N LYS A 75 -0.30 10.50 10.19
CA LYS A 75 0.72 10.84 9.22
C LYS A 75 0.81 12.37 9.11
N ILE A 76 2.00 12.90 9.33
CA ILE A 76 2.26 14.33 9.37
C ILE A 76 3.20 14.66 8.22
N LEU A 77 2.75 15.48 7.28
CA LEU A 77 3.57 15.89 6.14
C LEU A 77 3.90 17.37 6.24
N ASP A 78 5.18 17.70 6.10
CA ASP A 78 5.66 19.07 6.15
C ASP A 78 5.41 19.74 4.80
N LYS A 79 4.54 20.75 4.78
CA LYS A 79 4.13 21.36 3.51
C LYS A 79 5.33 21.88 2.73
N GLN A 80 6.27 22.54 3.40
CA GLN A 80 7.40 23.10 2.67
C GLN A 80 8.26 21.99 2.06
N LYS A 81 8.39 20.85 2.73
CA LYS A 81 9.17 19.76 2.19
C LYS A 81 8.43 19.06 1.06
N VAL A 82 7.10 18.98 1.15
CA VAL A 82 6.29 18.42 0.07
C VAL A 82 6.47 19.23 -1.20
N VAL A 83 6.43 20.56 -1.08
CA VAL A 83 6.67 21.44 -2.22
C VAL A 83 8.07 21.19 -2.79
N LYS A 84 9.09 21.22 -1.93
CA LYS A 84 10.47 21.09 -2.41
C LYS A 84 10.69 19.77 -3.15
N LEU A 85 10.15 18.68 -2.62
CA LEU A 85 10.31 17.36 -3.23
C LEU A 85 9.26 17.08 -4.28
N LYS A 86 8.51 18.10 -4.70
CA LYS A 86 7.59 18.01 -5.85
C LYS A 86 6.54 16.91 -5.65
N GLN A 87 5.96 16.89 -4.44
CA GLN A 87 4.94 15.92 -4.07
C GLN A 87 3.58 16.56 -3.83
N ILE A 88 3.33 17.78 -4.33
CA ILE A 88 2.05 18.43 -4.02
C ILE A 88 0.88 17.60 -4.54
N GLU A 89 0.87 17.32 -5.84
CA GLU A 89 -0.24 16.58 -6.43
C GLU A 89 -0.38 15.22 -5.78
N HIS A 90 0.76 14.60 -5.47
CA HIS A 90 0.74 13.28 -4.86
C HIS A 90 0.08 13.30 -3.49
N THR A 91 0.41 14.29 -2.65
N THR A 91 0.43 14.27 -2.66
CA THR A 91 -0.21 14.33 -1.32
CA THR A 91 -0.19 14.36 -1.34
C THR A 91 -1.68 14.70 -1.40
C THR A 91 -1.68 14.63 -1.45
N LEU A 92 -2.06 15.54 -2.36
CA LEU A 92 -3.48 15.81 -2.58
C LEU A 92 -4.21 14.54 -3.05
N ASN A 93 -3.60 13.80 -3.97
CA ASN A 93 -4.15 12.50 -4.41
C ASN A 93 -4.35 11.57 -3.21
N GLU A 94 -3.30 11.43 -2.39
CA GLU A 94 -3.33 10.48 -1.26
C GLU A 94 -4.55 10.71 -0.39
N LYS A 95 -4.76 11.96 0.02
CA LYS A 95 -5.86 12.24 0.93
C LYS A 95 -7.21 12.12 0.24
N ARG A 96 -7.33 12.65 -0.98
CA ARG A 96 -8.60 12.59 -1.67
C ARG A 96 -9.02 11.14 -1.93
N ILE A 97 -8.08 10.28 -2.27
CA ILE A 97 -8.39 8.88 -2.49
C ILE A 97 -8.73 8.19 -1.18
N LEU A 98 -7.88 8.38 -0.17
CA LEU A 98 -8.08 7.66 1.09
C LEU A 98 -9.41 7.99 1.73
N GLN A 99 -9.85 9.25 1.63
CA GLN A 99 -11.14 9.60 2.21
C GLN A 99 -12.33 9.05 1.41
N ALA A 100 -12.11 8.58 0.18
CA ALA A 100 -13.19 8.15 -0.70
C ALA A 100 -13.31 6.63 -0.83
N VAL A 101 -12.28 5.86 -0.49
CA VAL A 101 -12.30 4.42 -0.67
C VAL A 101 -12.88 3.72 0.54
N ASN A 102 -13.27 2.46 0.32
CA ASN A 102 -13.85 1.64 1.37
C ASN A 102 -13.72 0.19 0.94
N PHE A 103 -12.82 -0.54 1.60
CA PHE A 103 -12.59 -1.95 1.26
C PHE A 103 -11.91 -2.62 2.45
N PRO A 104 -12.15 -3.92 2.68
CA PRO A 104 -11.72 -4.52 3.96
C PRO A 104 -10.22 -4.47 4.20
N PHE A 105 -9.41 -4.36 3.15
CA PHE A 105 -7.97 -4.43 3.24
C PHE A 105 -7.29 -3.09 2.99
N LEU A 106 -8.06 -2.00 2.94
CA LEU A 106 -7.54 -0.63 2.81
C LEU A 106 -7.66 0.08 4.15
N VAL A 107 -6.56 0.68 4.61
CA VAL A 107 -6.57 1.39 5.88
C VAL A 107 -7.62 2.49 5.87
N LYS A 108 -8.29 2.66 7.00
CA LYS A 108 -9.35 3.65 7.14
C LYS A 108 -8.77 4.99 7.61
N LEU A 109 -9.07 6.03 6.82
CA LEU A 109 -8.80 7.40 7.20
C LEU A 109 -9.94 7.90 8.07
N GLU A 110 -9.66 8.26 9.31
CA GLU A 110 -10.70 8.71 10.20
C GLU A 110 -10.84 10.22 10.25
N PHE A 111 -9.71 10.96 10.17
CA PHE A 111 -9.74 12.42 10.18
C PHE A 111 -8.65 12.94 9.27
N SER A 112 -8.82 14.18 8.81
CA SER A 112 -7.73 14.91 8.18
C SER A 112 -7.89 16.39 8.47
N PHE A 113 -6.76 17.10 8.45
CA PHE A 113 -6.74 18.54 8.68
C PHE A 113 -5.35 19.06 8.32
N LYS A 114 -5.22 20.38 8.33
CA LYS A 114 -3.94 21.02 8.10
C LYS A 114 -3.78 22.20 9.06
N ASP A 115 -2.55 22.66 9.21
CA ASP A 115 -2.27 23.86 9.98
C ASP A 115 -1.25 24.71 9.22
N ASN A 116 -0.65 25.68 9.90
CA ASN A 116 0.29 26.56 9.21
C ASN A 116 1.44 25.81 8.56
N SER A 117 1.87 24.69 9.15
CA SER A 117 3.08 23.99 8.72
C SER A 117 2.82 22.66 8.02
N ASN A 118 1.83 21.90 8.46
CA ASN A 118 1.74 20.48 8.12
C ASN A 118 0.35 20.11 7.60
N LEU A 119 0.34 18.99 6.87
CA LEU A 119 -0.86 18.23 6.54
C LEU A 119 -0.93 17.02 7.47
N TYR A 120 -2.14 16.65 7.88
CA TYR A 120 -2.34 15.54 8.80
C TYR A 120 -3.38 14.57 8.24
N MET A 121 -3.02 13.29 8.20
CA MET A 121 -3.96 12.20 7.89
C MET A 121 -3.98 11.24 9.07
N VAL A 122 -5.13 11.14 9.72
CA VAL A 122 -5.28 10.36 10.94
C VAL A 122 -6.01 9.07 10.55
N MET A 123 -5.27 7.96 10.56
CA MET A 123 -5.75 6.63 10.19
C MET A 123 -5.94 5.73 11.41
N GLU A 124 -6.79 4.71 11.25
CA GLU A 124 -6.81 3.62 12.22
C GLU A 124 -5.39 3.09 12.41
N TYR A 125 -5.00 2.87 13.67
CA TYR A 125 -3.69 2.31 13.99
C TYR A 125 -3.75 0.80 13.85
N VAL A 126 -2.85 0.24 13.04
CA VAL A 126 -2.79 -1.20 12.76
C VAL A 126 -1.63 -1.77 13.58
N PRO A 127 -1.89 -2.47 14.68
CA PRO A 127 -0.84 -2.70 15.69
C PRO A 127 0.09 -3.87 15.41
N GLY A 128 -0.16 -4.66 14.38
CA GLY A 128 0.66 -5.85 14.20
C GLY A 128 1.97 -5.65 13.49
N GLY A 129 2.27 -4.45 13.00
CA GLY A 129 3.53 -4.20 12.33
C GLY A 129 3.50 -4.48 10.84
N GLU A 130 4.61 -4.10 10.20
CA GLU A 130 4.76 -4.32 8.77
C GLU A 130 4.91 -5.79 8.45
N MET A 131 4.31 -6.21 7.33
CA MET A 131 4.59 -7.54 6.81
C MET A 131 6.09 -7.76 6.70
N PHE A 132 6.82 -6.72 6.28
CA PHE A 132 8.27 -6.84 6.10
C PHE A 132 8.97 -7.37 7.35
N SER A 133 8.61 -6.84 8.52
N SER A 133 8.60 -6.86 8.53
CA SER A 133 9.23 -7.29 9.76
CA SER A 133 9.28 -7.31 9.74
C SER A 133 9.03 -8.79 9.95
C SER A 133 9.02 -8.79 10.01
N HIS A 134 7.79 -9.25 9.79
CA HIS A 134 7.48 -10.66 9.99
C HIS A 134 8.19 -11.54 8.97
N LEU A 135 8.21 -11.09 7.72
CA LEU A 135 8.92 -11.83 6.68
C LEU A 135 10.40 -11.98 7.03
N ARG A 136 11.03 -10.89 7.48
CA ARG A 136 12.45 -10.98 7.79
C ARG A 136 12.71 -11.80 9.04
N ARG A 137 11.74 -11.85 9.96
N ARG A 137 11.78 -11.79 10.01
CA ARG A 137 11.92 -12.62 11.21
CA ARG A 137 11.94 -12.65 11.19
C ARG A 137 11.81 -14.12 10.98
C ARG A 137 11.99 -14.11 10.78
N ILE A 138 10.99 -14.56 10.02
CA ILE A 138 10.81 -15.97 9.74
C ILE A 138 11.57 -16.44 8.51
N GLY A 139 12.09 -15.54 7.70
CA GLY A 139 12.92 -15.87 6.56
C GLY A 139 12.10 -15.84 5.29
N ARG A 140 11.12 -16.74 5.19
N ARG A 140 11.15 -16.77 5.18
CA ARG A 140 10.21 -16.73 4.05
CA ARG A 140 10.21 -16.72 4.07
C ARG A 140 8.90 -17.38 4.46
C ARG A 140 8.87 -17.24 4.57
N PHE A 141 7.81 -16.93 3.82
CA PHE A 141 6.49 -17.47 4.09
C PHE A 141 6.27 -18.73 3.23
N SEP A 142 5.58 -19.73 3.77
CA SEP A 142 5.16 -20.89 2.98
CB SEP A 142 4.44 -21.89 3.86
OG SEP A 142 3.17 -21.36 4.23
C SEP A 142 4.22 -20.42 1.85
O SEP A 142 3.69 -19.30 1.88
P SEP A 142 2.39 -22.17 5.41
O1P SEP A 142 3.36 -22.17 6.71
O2P SEP A 142 2.12 -23.67 4.99
O3P SEP A 142 1.04 -21.36 5.71
H SEP A 142 5.35 -19.78 4.60
HA SEP A 142 5.94 -21.33 2.58
HB2 SEP A 142 4.97 -22.05 4.65
HB3 SEP A 142 4.32 -22.71 3.37
N GLU A 143 4.02 -21.26 0.86
CA GLU A 143 3.13 -20.83 -0.22
C GLU A 143 1.71 -20.54 0.26
N PRO A 144 1.14 -21.37 1.15
CA PRO A 144 -0.20 -21.03 1.67
C PRO A 144 -0.25 -19.67 2.36
N HIS A 145 0.79 -19.36 3.13
CA HIS A 145 0.88 -18.11 3.85
C HIS A 145 1.00 -16.94 2.86
N ALA A 146 1.92 -17.07 1.90
CA ALA A 146 2.04 -16.04 0.86
C ALA A 146 0.74 -15.87 0.09
N ARG A 147 0.07 -16.99 -0.19
CA ARG A 147 -1.16 -16.96 -0.98
C ARG A 147 -2.29 -16.24 -0.25
N PHE A 148 -2.38 -16.43 1.06
CA PHE A 148 -3.38 -15.74 1.86
C PHE A 148 -3.23 -14.21 1.72
N TYR A 149 -2.00 -13.71 1.85
CA TYR A 149 -1.76 -12.28 1.66
C TYR A 149 -1.97 -11.88 0.20
N ALA A 150 -1.45 -12.66 -0.74
CA ALA A 150 -1.58 -12.31 -2.15
C ALA A 150 -3.05 -12.19 -2.55
N ALA A 151 -3.90 -13.09 -2.07
CA ALA A 151 -5.32 -13.03 -2.42
C ALA A 151 -5.94 -11.70 -1.99
N GLN A 152 -5.54 -11.21 -0.81
CA GLN A 152 -6.05 -9.92 -0.36
C GLN A 152 -5.60 -8.79 -1.28
N ILE A 153 -4.36 -8.86 -1.76
CA ILE A 153 -3.89 -7.84 -2.70
C ILE A 153 -4.63 -7.93 -4.03
N VAL A 154 -4.87 -9.16 -4.51
CA VAL A 154 -5.60 -9.33 -5.77
C VAL A 154 -6.97 -8.67 -5.68
N LEU A 155 -7.71 -8.94 -4.60
CA LEU A 155 -9.03 -8.35 -4.45
C LEU A 155 -8.95 -6.84 -4.30
N THR A 156 -7.94 -6.36 -3.56
CA THR A 156 -7.80 -4.92 -3.38
C THR A 156 -7.51 -4.21 -4.70
N PHE A 157 -6.66 -4.81 -5.54
CA PHE A 157 -6.37 -4.22 -6.85
C PHE A 157 -7.58 -4.33 -7.77
N GLU A 158 -8.35 -5.43 -7.68
CA GLU A 158 -9.58 -5.50 -8.46
C GLU A 158 -10.48 -4.32 -8.12
N TYR A 159 -10.63 -4.06 -6.82
CA TYR A 159 -11.41 -2.92 -6.35
C TYR A 159 -10.83 -1.60 -6.86
N LEU A 160 -9.55 -1.36 -6.57
CA LEU A 160 -8.96 -0.05 -6.91
C LEU A 160 -8.99 0.18 -8.41
N HIS A 161 -8.59 -0.83 -9.19
CA HIS A 161 -8.53 -0.62 -10.64
C HIS A 161 -9.92 -0.37 -11.21
N SER A 162 -10.95 -0.94 -10.62
CA SER A 162 -12.29 -0.73 -11.12
C SER A 162 -12.74 0.70 -10.92
N LEU A 163 -12.15 1.41 -9.96
CA LEU A 163 -12.38 2.82 -9.69
C LEU A 163 -11.44 3.72 -10.48
N ASP A 164 -10.67 3.16 -11.42
CA ASP A 164 -9.69 3.90 -12.21
C ASP A 164 -8.52 4.39 -11.36
N LEU A 165 -8.24 3.68 -10.27
CA LEU A 165 -7.12 4.01 -9.40
C LEU A 165 -5.97 3.04 -9.63
N ILE A 166 -4.76 3.60 -9.72
N ILE A 166 -4.75 3.59 -9.67
CA ILE A 166 -3.52 2.83 -9.68
CA ILE A 166 -3.51 2.82 -9.70
C ILE A 166 -2.89 3.09 -8.33
C ILE A 166 -2.77 3.12 -8.40
N TYR A 167 -2.21 2.07 -7.80
CA TYR A 167 -1.66 2.14 -6.44
C TYR A 167 -0.20 2.57 -6.41
N ARG A 168 0.68 1.85 -7.11
CA ARG A 168 2.07 2.24 -7.41
C ARG A 168 3.03 2.22 -6.22
N ASP A 169 2.66 1.68 -5.08
CA ASP A 169 3.64 1.59 -4.00
C ASP A 169 3.57 0.25 -3.28
N LEU A 170 3.25 -0.83 -3.99
CA LEU A 170 3.19 -2.14 -3.33
C LEU A 170 4.58 -2.60 -2.92
N LYS A 171 4.72 -2.97 -1.64
CA LYS A 171 5.94 -3.55 -1.10
C LYS A 171 5.65 -3.97 0.34
N PRO A 172 6.43 -4.91 0.89
CA PRO A 172 6.09 -5.44 2.22
C PRO A 172 6.05 -4.41 3.34
N GLU A 173 6.83 -3.32 3.25
CA GLU A 173 6.81 -2.31 4.31
C GLU A 173 5.52 -1.51 4.35
N ASN A 174 4.74 -1.52 3.29
CA ASN A 174 3.48 -0.79 3.22
C ASN A 174 2.27 -1.64 3.56
N LEU A 175 2.45 -2.91 3.92
CA LEU A 175 1.36 -3.82 4.20
C LEU A 175 1.44 -4.14 5.67
N LEU A 176 0.46 -3.71 6.43
CA LEU A 176 0.46 -3.91 7.86
C LEU A 176 -0.44 -5.08 8.21
N ILE A 177 -0.07 -5.77 9.28
CA ILE A 177 -0.82 -6.94 9.76
C ILE A 177 -1.72 -6.50 10.90
N ASP A 178 -3.02 -6.78 10.78
CA ASP A 178 -3.99 -6.33 11.76
C ASP A 178 -4.21 -7.39 12.84
N GLN A 179 -5.11 -7.05 13.75
CA GLN A 179 -5.39 -7.88 14.92
C GLN A 179 -5.89 -9.27 14.54
N GLN A 180 -6.47 -9.44 13.36
CA GLN A 180 -6.93 -10.74 12.89
C GLN A 180 -5.92 -11.43 11.96
N GLY A 181 -4.74 -10.85 11.76
CA GLY A 181 -3.78 -11.42 10.84
C GLY A 181 -3.97 -11.09 9.37
N TYR A 182 -4.91 -10.20 9.05
CA TYR A 182 -5.18 -9.76 7.70
C TYR A 182 -4.37 -8.51 7.37
N ILE A 183 -4.32 -8.19 6.07
N ILE A 183 -4.30 -8.20 6.06
CA ILE A 183 -3.53 -7.08 5.54
CA ILE A 183 -3.52 -7.08 5.55
C ILE A 183 -4.33 -5.79 5.58
C ILE A 183 -4.33 -5.79 5.61
N GLN A 184 -3.65 -4.70 5.94
CA GLN A 184 -4.14 -3.34 5.74
C GLN A 184 -3.12 -2.63 4.87
N VAL A 185 -3.54 -2.22 3.68
CA VAL A 185 -2.66 -1.49 2.77
C VAL A 185 -2.63 -0.04 3.21
N THR A 186 -1.42 0.49 3.40
CA THR A 186 -1.18 1.87 3.76
C THR A 186 -0.31 2.52 2.70
N ASP A 187 -0.15 3.82 2.83
CA ASP A 187 0.66 4.64 1.93
C ASP A 187 0.07 4.77 0.54
N PHE A 188 -0.83 5.73 0.40
CA PHE A 188 -1.42 6.07 -0.88
C PHE A 188 -0.74 7.30 -1.50
N GLY A 189 0.51 7.55 -1.13
CA GLY A 189 1.24 8.71 -1.61
C GLY A 189 1.49 8.72 -3.10
N PHE A 190 1.47 7.56 -3.74
CA PHE A 190 1.63 7.48 -5.18
C PHE A 190 0.35 7.02 -5.87
N ALA A 191 -0.72 6.79 -5.12
CA ALA A 191 -1.97 6.37 -5.73
C ALA A 191 -2.57 7.53 -6.53
N LYS A 192 -3.22 7.18 -7.64
CA LYS A 192 -3.69 8.20 -8.56
C LYS A 192 -4.91 7.71 -9.33
N ARG A 193 -5.85 8.61 -9.56
CA ARG A 193 -6.97 8.30 -10.44
C ARG A 193 -6.54 8.58 -11.87
N VAL A 194 -6.54 7.52 -12.68
CA VAL A 194 -5.95 7.49 -14.02
C VAL A 194 -6.93 6.74 -14.92
N LYS A 195 -7.48 7.42 -15.91
CA LYS A 195 -8.14 6.79 -17.04
C LYS A 195 -7.13 6.82 -18.19
N GLY A 196 -6.58 5.66 -18.51
CA GLY A 196 -5.57 5.56 -19.54
C GLY A 196 -4.18 5.46 -18.93
N ARG A 197 -3.28 6.30 -19.40
CA ARG A 197 -1.88 6.21 -19.03
C ARG A 197 -1.50 7.31 -18.06
N THR A 198 -0.40 7.08 -17.35
CA THR A 198 0.25 8.10 -16.54
C THR A 198 1.75 7.92 -16.70
N TRP A 199 2.51 8.90 -16.25
CA TRP A 199 3.92 8.97 -16.61
C TRP A 199 4.93 9.16 -15.46
N TPO A 200 4.49 9.39 -14.23
CA TPO A 200 5.43 9.79 -13.19
CB TPO A 200 4.70 10.30 -11.95
CG2 TPO A 200 5.71 10.85 -10.94
OG1 TPO A 200 3.84 11.35 -12.32
P TPO A 200 2.28 10.99 -12.08
O1P TPO A 200 1.49 12.19 -12.77
O2P TPO A 200 2.00 10.91 -10.60
O3P TPO A 200 1.98 9.66 -12.85
C TPO A 200 6.35 8.66 -12.80
O TPO A 200 5.93 7.53 -12.59
H TPO A 200 3.67 9.32 -13.99
HA TPO A 200 5.96 10.53 -13.55
HB TPO A 200 4.13 9.48 -11.51
HG21 TPO A 200 5.20 11.43 -10.18
HG22 TPO A 200 6.44 11.49 -11.46
HG23 TPO A 200 6.24 10.02 -10.46
N LEU A 201 7.63 9.00 -12.69
CA LEU A 201 8.62 8.07 -12.16
C LEU A 201 8.52 8.05 -10.64
N CYS A 202 7.99 6.95 -10.11
CA CYS A 202 7.83 6.81 -8.67
C CYS A 202 7.69 5.33 -8.34
N GLY A 203 8.02 5.02 -7.10
CA GLY A 203 7.98 3.67 -6.60
C GLY A 203 9.23 3.35 -5.83
N THR A 204 9.57 2.08 -5.77
CA THR A 204 10.74 1.56 -5.09
C THR A 204 11.50 0.75 -6.12
N PRO A 205 12.83 0.90 -6.22
CA PRO A 205 13.57 0.27 -7.33
C PRO A 205 13.25 -1.20 -7.56
N GLU A 206 13.24 -2.01 -6.51
CA GLU A 206 13.07 -3.44 -6.67
C GLU A 206 11.69 -3.80 -7.22
N TYR A 207 10.72 -2.90 -7.09
CA TYR A 207 9.33 -3.16 -7.45
C TYR A 207 8.90 -2.46 -8.75
N LEU A 208 9.80 -1.73 -9.42
CA LEU A 208 9.40 -0.96 -10.60
C LEU A 208 9.19 -1.88 -11.80
N ALA A 209 8.07 -1.71 -12.48
CA ALA A 209 7.84 -2.39 -13.75
C ALA A 209 8.78 -1.86 -14.83
N PRO A 210 9.07 -2.68 -15.85
CA PRO A 210 9.99 -2.22 -16.90
C PRO A 210 9.53 -0.93 -17.56
N GLU A 211 8.20 -0.78 -17.78
CA GLU A 211 7.72 0.37 -18.51
C GLU A 211 7.86 1.66 -17.71
N ILE A 212 7.92 1.58 -16.37
CA ILE A 212 8.25 2.75 -15.57
C ILE A 212 9.71 3.13 -15.76
N ILE A 213 10.60 2.14 -15.67
CA ILE A 213 12.04 2.36 -15.84
C ILE A 213 12.32 3.00 -17.19
N LEU A 214 11.59 2.57 -18.23
CA LEU A 214 11.80 3.03 -19.60
C LEU A 214 11.01 4.29 -19.94
N SER A 215 10.37 4.93 -18.96
CA SER A 215 9.77 6.25 -19.15
C SER A 215 8.63 6.23 -20.14
N LYS A 216 7.86 5.15 -20.14
CA LYS A 216 6.70 5.01 -20.99
C LYS A 216 5.46 5.54 -20.28
N GLY A 217 4.41 5.78 -21.07
CA GLY A 217 3.08 5.97 -20.50
C GLY A 217 2.56 4.62 -20.07
N TYR A 218 2.27 4.47 -18.78
CA TYR A 218 1.94 3.16 -18.23
C TYR A 218 0.59 3.20 -17.53
N ASN A 219 0.12 2.00 -17.19
CA ASN A 219 -1.24 1.84 -16.68
C ASN A 219 -1.23 0.87 -15.51
N LYS A 220 -2.41 0.35 -15.16
CA LYS A 220 -2.57 -0.51 -14.00
C LYS A 220 -1.73 -1.78 -14.07
N ALA A 221 -1.20 -2.12 -15.25
CA ALA A 221 -0.36 -3.30 -15.35
C ALA A 221 0.84 -3.21 -14.43
N VAL A 222 1.26 -1.99 -14.06
CA VAL A 222 2.41 -1.89 -13.18
C VAL A 222 2.10 -2.44 -11.80
N ASP A 223 0.83 -2.37 -11.38
CA ASP A 223 0.47 -2.93 -10.09
C ASP A 223 0.55 -4.45 -10.13
N TRP A 224 0.14 -5.06 -11.24
CA TRP A 224 0.20 -6.50 -11.36
C TRP A 224 1.64 -7.00 -11.41
N TRP A 225 2.52 -6.26 -12.10
CA TRP A 225 3.95 -6.56 -12.03
C TRP A 225 4.44 -6.54 -10.58
N ALA A 226 4.09 -5.48 -9.85
CA ALA A 226 4.52 -5.37 -8.46
C ALA A 226 3.98 -6.53 -7.61
N LEU A 227 2.77 -7.00 -7.91
CA LEU A 227 2.26 -8.18 -7.20
C LEU A 227 3.16 -9.39 -7.44
N GLY A 228 3.63 -9.56 -8.67
CA GLY A 228 4.59 -10.62 -8.96
C GLY A 228 5.84 -10.51 -8.09
N VAL A 229 6.37 -9.28 -7.99
CA VAL A 229 7.56 -9.06 -7.15
C VAL A 229 7.25 -9.41 -5.70
N LEU A 230 6.09 -8.96 -5.21
CA LEU A 230 5.71 -9.20 -3.82
C LEU A 230 5.56 -10.70 -3.54
N ILE A 231 4.87 -11.42 -4.42
CA ILE A 231 4.68 -12.85 -4.20
C ILE A 231 6.03 -13.57 -4.18
N TYR A 232 6.90 -13.24 -5.13
CA TYR A 232 8.23 -13.81 -5.15
C TYR A 232 8.97 -13.52 -3.84
N GLU A 233 8.95 -12.25 -3.38
CA GLU A 233 9.67 -11.89 -2.15
C GLU A 233 9.09 -12.61 -0.94
N MET A 234 7.76 -12.69 -0.85
CA MET A 234 7.15 -13.41 0.25
C MET A 234 7.56 -14.88 0.28
N ALA A 235 7.59 -15.54 -0.89
CA ALA A 235 7.83 -16.97 -0.95
C ALA A 235 9.31 -17.33 -0.92
N ALA A 236 10.19 -16.44 -1.39
CA ALA A 236 11.63 -16.70 -1.38
C ALA A 236 12.35 -16.08 -0.20
N GLY A 237 11.85 -14.97 0.31
CA GLY A 237 12.51 -14.21 1.35
C GLY A 237 13.31 -13.04 0.84
N TYR A 238 13.45 -12.90 -0.48
CA TYR A 238 14.19 -11.84 -1.14
C TYR A 238 13.52 -11.56 -2.47
N PRO A 239 13.68 -10.37 -3.02
CA PRO A 239 12.97 -10.03 -4.24
C PRO A 239 13.69 -10.60 -5.45
N PRO A 240 13.01 -10.67 -6.60
CA PRO A 240 13.62 -11.35 -7.76
C PRO A 240 14.77 -10.58 -8.39
N PHE A 241 14.76 -9.26 -8.30
CA PHE A 241 15.77 -8.40 -8.92
C PHE A 241 16.39 -7.54 -7.82
N PHE A 242 17.66 -7.79 -7.53
CA PHE A 242 18.35 -7.05 -6.48
C PHE A 242 19.80 -6.85 -6.89
N ALA A 243 20.41 -5.82 -6.33
CA ALA A 243 21.78 -5.45 -6.62
C ALA A 243 22.12 -4.28 -5.70
N ASP A 244 23.41 -3.93 -5.65
N ASP A 244 23.40 -3.95 -5.66
CA ASP A 244 23.82 -2.87 -4.73
CA ASP A 244 23.85 -2.88 -4.78
C ASP A 244 23.52 -1.47 -5.26
C ASP A 244 23.34 -1.52 -5.26
N GLN A 245 23.36 -1.31 -6.57
CA GLN A 245 23.00 -0.01 -7.15
C GLN A 245 21.71 -0.11 -7.95
N PRO A 246 20.83 0.89 -7.88
CA PRO A 246 19.58 0.82 -8.65
C PRO A 246 19.78 0.49 -10.12
N ILE A 247 20.81 1.04 -10.76
CA ILE A 247 20.96 0.82 -12.20
C ILE A 247 21.11 -0.67 -12.49
N GLN A 248 21.83 -1.39 -11.62
CA GLN A 248 21.98 -2.83 -11.81
C GLN A 248 20.67 -3.55 -11.60
N ILE A 249 19.83 -3.07 -10.68
CA ILE A 249 18.49 -3.62 -10.51
C ILE A 249 17.69 -3.44 -11.78
N TYR A 250 17.74 -2.23 -12.35
CA TYR A 250 16.92 -1.93 -13.52
C TYR A 250 17.33 -2.77 -14.72
N GLU A 251 18.64 -2.99 -14.90
CA GLU A 251 19.10 -3.87 -15.96
C GLU A 251 18.50 -5.26 -15.82
N LYS A 252 18.44 -5.78 -14.59
CA LYS A 252 17.85 -7.09 -14.41
C LYS A 252 16.36 -7.07 -14.70
N ILE A 253 15.66 -6.03 -14.26
CA ILE A 253 14.21 -5.95 -14.45
C ILE A 253 13.88 -5.96 -15.94
N VAL A 254 14.59 -5.15 -16.73
CA VAL A 254 14.23 -5.03 -18.15
C VAL A 254 14.70 -6.21 -18.98
N SER A 255 15.50 -7.12 -18.40
CA SER A 255 16.15 -8.16 -19.20
C SER A 255 15.19 -9.26 -19.66
N GLY A 256 14.08 -9.47 -18.98
CA GLY A 256 13.19 -10.57 -19.31
C GLY A 256 13.63 -11.91 -18.76
N LYS A 257 14.63 -11.93 -17.89
CA LYS A 257 15.12 -13.13 -17.22
C LYS A 257 14.80 -13.04 -15.74
N VAL A 258 14.35 -14.16 -15.17
CA VAL A 258 14.14 -14.29 -13.72
C VAL A 258 14.43 -15.73 -13.35
N ARG A 259 15.08 -15.92 -12.20
CA ARG A 259 15.39 -17.24 -11.69
C ARG A 259 14.55 -17.51 -10.46
N PHE A 260 14.08 -18.72 -10.32
CA PHE A 260 13.23 -19.13 -9.23
C PHE A 260 13.96 -20.12 -8.34
N PRO A 261 13.80 -20.02 -7.01
CA PRO A 261 14.29 -21.09 -6.15
C PRO A 261 13.65 -22.42 -6.49
N SER A 262 14.42 -23.49 -6.34
CA SER A 262 13.90 -24.82 -6.67
C SER A 262 12.72 -25.21 -5.78
N HIS A 263 12.62 -24.64 -4.57
CA HIS A 263 11.51 -24.99 -3.70
C HIS A 263 10.18 -24.41 -4.15
N PHE A 264 10.18 -23.45 -5.07
CA PHE A 264 8.91 -22.95 -5.60
C PHE A 264 8.16 -24.06 -6.33
N SER A 265 6.85 -24.11 -6.11
CA SER A 265 6.02 -25.05 -6.86
C SER A 265 5.99 -24.66 -8.34
N SER A 266 5.66 -25.62 -9.19
CA SER A 266 5.51 -25.31 -10.60
C SER A 266 4.40 -24.31 -10.84
N ASP A 267 3.30 -24.42 -10.08
CA ASP A 267 2.19 -23.47 -10.20
C ASP A 267 2.64 -22.05 -9.87
N LEU A 268 3.42 -21.90 -8.79
CA LEU A 268 3.91 -20.59 -8.41
C LEU A 268 4.80 -20.01 -9.50
N LYS A 269 5.73 -20.82 -10.02
CA LYS A 269 6.61 -20.33 -11.08
C LYS A 269 5.80 -19.89 -12.30
N ASP A 270 4.78 -20.66 -12.66
CA ASP A 270 3.99 -20.28 -13.83
C ASP A 270 3.26 -18.98 -13.61
N LEU A 271 2.64 -18.80 -12.44
CA LEU A 271 1.96 -17.53 -12.17
C LEU A 271 2.96 -16.39 -12.21
N LEU A 272 4.13 -16.58 -11.62
CA LEU A 272 5.08 -15.48 -11.56
C LEU A 272 5.64 -15.11 -12.93
N ARG A 273 5.83 -16.08 -13.83
CA ARG A 273 6.29 -15.74 -15.18
C ARG A 273 5.28 -14.86 -15.90
N ASN A 274 4.00 -15.05 -15.58
CA ASN A 274 2.95 -14.27 -16.23
C ASN A 274 2.72 -12.92 -15.58
N LEU A 275 3.03 -12.76 -14.29
CA LEU A 275 2.98 -11.44 -13.65
C LEU A 275 4.24 -10.64 -13.92
N LEU A 276 5.39 -11.30 -13.86
CA LEU A 276 6.70 -10.71 -14.17
C LEU A 276 7.02 -10.80 -15.64
N GLN A 277 6.00 -10.55 -16.45
CA GLN A 277 6.11 -10.51 -17.90
C GLN A 277 6.55 -9.10 -18.29
N VAL A 278 7.72 -8.99 -18.92
CA VAL A 278 8.25 -7.68 -19.25
C VAL A 278 7.39 -6.96 -20.29
N ASP A 279 6.75 -7.71 -21.18
CA ASP A 279 5.88 -7.13 -22.20
C ASP A 279 4.51 -6.88 -21.56
N LEU A 280 4.19 -5.62 -21.32
CA LEU A 280 2.99 -5.32 -20.55
C LEU A 280 1.73 -5.77 -21.27
N THR A 281 1.79 -5.92 -22.62
CA THR A 281 0.61 -6.35 -23.35
C THR A 281 0.35 -7.83 -23.22
N LYS A 282 1.25 -8.57 -22.56
CA LYS A 282 1.10 -9.98 -22.31
C LYS A 282 1.00 -10.31 -20.83
N ARG A 283 0.99 -9.30 -19.97
CA ARG A 283 1.07 -9.53 -18.54
C ARG A 283 -0.31 -9.83 -17.94
N PHE A 284 -0.35 -10.85 -17.09
CA PHE A 284 -1.58 -11.16 -16.38
C PHE A 284 -2.07 -9.94 -15.60
N GLY A 285 -3.39 -9.76 -15.62
CA GLY A 285 -4.03 -8.57 -15.09
C GLY A 285 -4.26 -7.48 -16.12
N ASN A 286 -3.59 -7.58 -17.27
CA ASN A 286 -3.71 -6.59 -18.34
C ASN A 286 -4.19 -7.21 -19.65
N LEU A 287 -4.74 -8.41 -19.60
CA LEU A 287 -5.29 -9.08 -20.78
C LEU A 287 -6.81 -8.95 -20.79
N LYS A 288 -7.43 -9.51 -21.84
CA LYS A 288 -8.87 -9.33 -22.02
C LYS A 288 -9.67 -9.85 -20.83
N ASN A 289 -9.23 -10.92 -20.18
N ASN A 289 -9.20 -10.92 -20.19
CA ASN A 289 -9.96 -11.45 -19.04
CA ASN A 289 -9.87 -11.53 -19.04
C ASN A 289 -9.56 -10.79 -17.73
C ASN A 289 -9.57 -10.79 -17.74
N GLY A 290 -8.72 -9.76 -17.78
CA GLY A 290 -8.46 -8.95 -16.59
C GLY A 290 -7.99 -9.74 -15.40
N VAL A 291 -8.57 -9.42 -14.24
CA VAL A 291 -8.12 -10.05 -13.01
C VAL A 291 -8.41 -11.54 -12.99
N ASN A 292 -9.36 -12.01 -13.80
CA ASN A 292 -9.72 -13.42 -13.71
C ASN A 292 -8.62 -14.35 -14.20
N ASP A 293 -7.70 -13.89 -15.05
CA ASP A 293 -6.56 -14.74 -15.37
C ASP A 293 -5.75 -15.07 -14.13
N ILE A 294 -5.71 -14.15 -13.15
CA ILE A 294 -5.02 -14.40 -11.89
C ILE A 294 -5.90 -15.21 -10.95
N LYS A 295 -7.17 -14.78 -10.75
CA LYS A 295 -8.03 -15.45 -9.79
C LYS A 295 -8.26 -16.92 -10.15
N ASN A 296 -8.25 -17.26 -11.44
CA ASN A 296 -8.49 -18.61 -11.92
C ASN A 296 -7.22 -19.41 -12.12
N HIS A 297 -6.05 -18.83 -11.85
CA HIS A 297 -4.82 -19.58 -12.02
C HIS A 297 -4.74 -20.72 -11.00
N LYS A 298 -4.11 -21.83 -11.38
CA LYS A 298 -4.00 -22.99 -10.51
C LYS A 298 -3.35 -22.66 -9.16
N TRP A 299 -2.43 -21.70 -9.10
CA TRP A 299 -1.83 -21.40 -7.80
C TRP A 299 -2.88 -20.95 -6.79
N PHE A 300 -3.97 -20.34 -7.27
CA PHE A 300 -5.05 -19.91 -6.41
C PHE A 300 -6.22 -20.90 -6.35
N ALA A 301 -6.03 -22.16 -6.79
CA ALA A 301 -7.17 -23.06 -6.86
C ALA A 301 -7.83 -23.31 -5.50
N THR A 302 -7.04 -23.28 -4.40
CA THR A 302 -7.58 -23.49 -3.06
C THR A 302 -8.18 -22.24 -2.42
N THR A 303 -8.10 -21.10 -3.09
CA THR A 303 -8.55 -19.84 -2.49
C THR A 303 -10.05 -19.66 -2.69
N ASP A 304 -10.75 -19.45 -1.58
CA ASP A 304 -12.16 -19.09 -1.60
C ASP A 304 -12.20 -17.58 -1.54
N TRP A 305 -12.37 -16.94 -2.71
CA TRP A 305 -12.25 -15.50 -2.82
C TRP A 305 -13.27 -14.78 -1.94
N ILE A 306 -14.49 -15.30 -1.88
CA ILE A 306 -15.52 -14.67 -1.06
C ILE A 306 -15.18 -14.78 0.41
N ALA A 307 -14.69 -15.95 0.84
CA ALA A 307 -14.33 -16.14 2.24
C ALA A 307 -13.18 -15.21 2.65
N ILE A 308 -12.24 -14.96 1.73
CA ILE A 308 -11.17 -14.00 2.02
C ILE A 308 -11.75 -12.61 2.20
N TYR A 309 -12.61 -12.20 1.26
CA TYR A 309 -13.23 -10.88 1.34
C TYR A 309 -14.01 -10.70 2.64
N GLN A 310 -14.73 -11.74 3.06
CA GLN A 310 -15.53 -11.70 4.27
C GLN A 310 -14.70 -11.92 5.53
N ARG A 311 -13.39 -12.13 5.39
CA ARG A 311 -12.49 -12.28 6.53
C ARG A 311 -12.86 -13.51 7.37
N LYS A 312 -13.24 -14.59 6.70
CA LYS A 312 -13.66 -15.80 7.36
C LYS A 312 -12.59 -16.89 7.36
N VAL A 313 -11.49 -16.67 6.64
CA VAL A 313 -10.38 -17.60 6.59
C VAL A 313 -9.50 -17.36 7.81
N GLU A 314 -9.10 -18.43 8.49
CA GLU A 314 -8.16 -18.28 9.59
C GLU A 314 -6.80 -17.87 9.05
N ALA A 315 -6.22 -16.83 9.65
CA ALA A 315 -4.95 -16.29 9.17
C ALA A 315 -3.76 -17.20 9.49
N PRO A 316 -2.69 -17.10 8.72
CA PRO A 316 -1.45 -17.83 9.03
C PRO A 316 -0.89 -17.56 10.41
N PHE A 317 -0.99 -16.32 10.90
CA PHE A 317 -0.64 -15.99 12.28
C PHE A 317 -1.33 -14.71 12.67
N ILE A 318 -1.53 -14.58 13.98
CA ILE A 318 -2.01 -13.37 14.62
C ILE A 318 -0.79 -12.70 15.23
N PRO A 319 -0.56 -11.42 14.99
CA PRO A 319 0.60 -10.77 15.62
C PRO A 319 0.43 -10.78 17.12
N LYS A 320 1.57 -10.84 17.81
CA LYS A 320 1.62 -10.78 19.27
C LYS A 320 1.63 -9.30 19.68
N PHE A 321 0.62 -8.89 20.42
CA PHE A 321 0.56 -7.53 20.93
C PHE A 321 -0.41 -7.53 22.11
N LYS A 322 -0.29 -6.52 22.97
CA LYS A 322 -0.97 -6.53 24.26
C LYS A 322 -2.27 -5.75 24.24
N GLY A 323 -2.46 -4.86 23.28
CA GLY A 323 -3.61 -3.99 23.28
C GLY A 323 -3.51 -2.97 22.18
N PRO A 324 -4.55 -2.16 21.99
CA PRO A 324 -4.58 -1.28 20.83
C PRO A 324 -3.51 -0.20 20.83
N GLY A 325 -2.85 0.03 21.97
CA GLY A 325 -1.78 1.00 22.08
C GLY A 325 -0.40 0.40 22.10
N ASP A 326 -0.28 -0.91 21.92
N ASP A 326 -0.27 -0.91 21.92
CA ASP A 326 1.01 -1.60 21.93
CA ASP A 326 1.03 -1.57 21.97
C ASP A 326 1.79 -1.25 20.67
C ASP A 326 1.80 -1.28 20.69
N THR A 327 3.05 -0.84 20.84
CA THR A 327 3.93 -0.52 19.73
C THR A 327 5.08 -1.51 19.56
N SER A 328 5.01 -2.66 20.22
N SER A 328 5.00 -2.66 20.22
CA SER A 328 6.15 -3.57 20.22
CA SER A 328 6.11 -3.61 20.24
C SER A 328 6.46 -4.14 18.85
C SER A 328 6.48 -4.08 18.84
N ASN A 329 5.51 -4.13 17.92
CA ASN A 329 5.77 -4.62 16.57
C ASN A 329 6.35 -3.58 15.64
N PHE A 330 6.62 -2.38 16.14
CA PHE A 330 7.22 -1.30 15.39
C PHE A 330 8.56 -0.95 16.03
N ASP A 331 9.36 -0.18 15.32
CA ASP A 331 10.73 0.06 15.73
C ASP A 331 10.90 1.48 16.25
N ASP A 332 12.11 1.77 16.72
CA ASP A 332 12.40 2.98 17.49
C ASP A 332 13.07 4.05 16.62
N TYR A 333 12.53 5.28 16.72
CA TYR A 333 13.03 6.44 16.00
C TYR A 333 13.24 7.58 16.98
N GLU A 334 14.19 8.46 16.65
CA GLU A 334 14.36 9.69 17.41
C GLU A 334 13.03 10.42 17.50
N GLU A 335 12.68 10.86 18.71
CA GLU A 335 11.45 11.60 18.91
C GLU A 335 11.72 13.08 18.70
N GLU A 336 11.20 13.62 17.59
CA GLU A 336 11.39 15.03 17.24
C GLU A 336 10.09 15.83 17.41
N GLU A 337 10.25 17.14 17.60
CA GLU A 337 9.12 18.05 17.78
C GLU A 337 8.13 18.03 16.61
N ILE A 338 6.84 18.28 16.91
CA ILE A 338 5.85 18.66 15.90
C ILE A 338 5.68 20.18 16.01
N ARG A 339 6.58 20.94 15.39
CA ARG A 339 6.50 22.39 15.48
C ARG A 339 5.54 22.92 14.41
N VAL A 340 4.71 23.88 14.80
CA VAL A 340 3.78 24.54 13.90
C VAL A 340 4.12 26.03 13.83
N SEP A 341 4.48 26.51 12.64
CA SEP A 341 4.91 27.89 12.46
CB SEP A 341 5.30 28.12 10.98
OG SEP A 341 5.56 29.48 10.73
C SEP A 341 3.81 28.85 12.87
O SEP A 341 2.63 28.55 12.77
P SEP A 341 7.05 29.96 11.15
O1P SEP A 341 7.00 30.40 12.69
O2P SEP A 341 8.13 28.81 10.87
O3P SEP A 341 7.39 31.22 10.22
H SEP A 341 4.49 26.05 11.91
HA SEP A 341 5.70 28.07 13.01
HB2 SEP A 341 4.56 27.83 10.41
HB3 SEP A 341 6.09 27.60 10.78
N ILE A 342 4.20 30.04 13.32
CA ILE A 342 3.23 31.08 13.60
C ILE A 342 2.73 31.76 12.32
N ASN A 343 3.35 31.47 11.18
CA ASN A 343 2.91 31.99 9.90
C ASN A 343 2.51 30.83 8.99
N GLU A 344 1.46 31.03 8.18
CA GLU A 344 1.00 30.00 7.26
C GLU A 344 2.00 29.78 6.13
N LYS A 345 2.31 28.52 5.86
CA LYS A 345 3.20 28.13 4.76
C LYS A 345 2.39 27.47 3.65
N CYS A 346 2.65 27.86 2.41
CA CYS A 346 2.17 27.12 1.24
C CYS A 346 0.65 26.98 1.24
N GLY A 347 -0.05 28.03 1.71
CA GLY A 347 -1.50 27.95 1.81
C GLY A 347 -2.15 27.69 0.46
N LYS A 348 -1.70 28.41 -0.57
CA LYS A 348 -2.30 28.27 -1.89
C LYS A 348 -2.20 26.84 -2.40
N GLU A 349 -1.01 26.26 -2.30
CA GLU A 349 -0.76 24.94 -2.90
C GLU A 349 -1.68 23.88 -2.32
N PHE A 350 -2.06 24.00 -1.04
CA PHE A 350 -2.80 22.96 -0.35
C PHE A 350 -4.23 23.37 -0.03
N THR A 351 -4.77 24.34 -0.77
CA THR A 351 -6.13 24.81 -0.54
C THR A 351 -7.14 23.66 -0.47
N GLU A 352 -7.02 22.68 -1.37
CA GLU A 352 -8.07 21.67 -1.43
C GLU A 352 -7.95 20.62 -0.33
N PHE A 353 -6.83 20.57 0.39
CA PHE A 353 -6.63 19.53 1.38
C PHE A 353 -7.58 19.73 2.56
C1 MPD B . 7.36 -14.98 13.83
C2 MPD B . 6.33 -13.99 13.25
O2 MPD B . 6.78 -12.63 13.47
CM MPD B . 6.15 -14.22 11.76
C3 MPD B . 5.00 -14.18 13.96
C4 MPD B . 5.10 -13.93 15.46
O4 MPD B . 5.50 -12.59 15.73
C5 MPD B . 3.76 -14.22 16.12
C1 MPD C . -14.60 -10.74 -3.61
C2 MPD C . -15.71 -9.79 -4.07
O2 MPD C . -16.23 -10.28 -5.33
CM MPD C . -16.81 -9.77 -3.03
C3 MPD C . -15.15 -8.38 -4.25
C4 MPD C . -14.19 -8.29 -5.41
O4 MPD C . -14.93 -8.48 -6.59
C5 MPD C . -13.46 -6.95 -5.47
C LRT D . -0.99 2.76 10.38
C LRT D . -0.99 2.70 10.41
N LRT D . -2.25 3.00 10.00
N LRT D . -2.30 2.86 10.11
O LRT D . 4.78 4.16 10.43
O LRT D . 4.79 4.53 8.63
C1 LRT D . 0.45 1.71 11.89
C1 LRT D . 0.63 1.77 11.80
C10 LRT D . 2.36 4.13 8.16
C10 LRT D . 2.07 4.37 7.98
C11 LRT D . 1.08 4.44 7.72
C11 LRT D . 0.75 4.57 7.63
C12 LRT D . -0.01 4.03 8.43
C12 LRT D . -0.26 4.07 8.40
C13 LRT D . 0.13 3.27 9.61
C13 LRT D . 0.03 3.31 9.58
C2 LRT D . 1.57 2.14 11.24
C2 LRT D . 1.66 2.32 11.10
C3 LRT D . 1.44 2.94 10.07
C3 LRT D . 1.38 3.11 9.94
C4 LRT D . 2.56 3.40 9.29
C4 LRT D . 2.40 3.68 9.11
C5 LRT D . 6.18 3.89 8.20
C5 LRT D . 5.84 1.60 9.73
C6 LRT D . 7.51 3.18 8.08
C6 LRT D . 7.08 2.42 9.46
C7 LRT D . 7.87 2.83 6.67
C7 LRT D . 7.18 2.96 8.05
C8 LRT D . 5.58 2.03 6.09
C8 LRT D . 5.32 2.14 6.65
C9 LRT D . 4.95 1.77 7.45
C9 LRT D . 4.38 1.58 7.71
N1 LRT D . -0.81 1.99 11.49
N1 LRT D . -0.67 1.93 11.49
N2 LRT D . 5.00 2.99 8.27
N2 LRT D . 4.61 2.12 9.06
N3 LRT D . 7.01 1.72 6.20
N3 LRT D . 6.74 1.97 7.04
O1 LRT D . 4.33 1.73 10.27
O1 LRT D . 4.30 3.70 10.91
S LRT D . 4.24 3.04 9.72
S LRT D . 4.13 3.61 9.50
S DMS E . 12.86 6.08 -7.73
O DMS E . 12.43 6.41 -6.34
C1 DMS E . 11.39 5.80 -8.77
C2 DMS E . 13.58 7.55 -8.52
S DMS F . 16.19 -16.78 3.66
O DMS F . 15.05 -17.71 3.42
C1 DMS F . 17.76 -17.70 3.66
C2 DMS F . 16.45 -15.70 2.22
#